data_3BRV
#
_entry.id   3BRV
#
_cell.length_a   44.820
_cell.length_b   50.670
_cell.length_c   102.790
_cell.angle_alpha   90.00
_cell.angle_beta   90.00
_cell.angle_gamma   90.00
#
_symmetry.space_group_name_H-M   'P 21 21 21'
#
loop_
_entity.id
_entity.type
_entity.pdbx_description
1 polymer 'Inhibitor of nuclear factor kappa-B kinase subunit beta'
2 polymer 'NF-kappa-B essential modulator'
3 water water
#
loop_
_entity_poly.entity_id
_entity_poly.type
_entity_poly.pdbx_seq_one_letter_code
_entity_poly.pdbx_strand_id
1 'polypeptide(L)' AMAPAKKSEELVAEAHNLCTLLENAIQDTVREQDQSFTALDWSWLQTE A,C
2 'polypeptide(L)' MWEQGAPETLQRCLEENQELRDAIRQSNQILRERCEELLHFQASQREEKEFLMCKFQEARKLVERLGLEK B,D
#
# COMPACT_ATOMS: atom_id res chain seq x y z
N SER A 8 25.58 11.61 -9.14
CA SER A 8 25.16 11.16 -10.54
C SER A 8 23.69 11.44 -10.97
N GLU A 9 23.61 12.09 -12.11
CA GLU A 9 22.39 12.67 -12.67
C GLU A 9 21.33 11.63 -12.99
N GLU A 10 21.77 10.45 -13.44
CA GLU A 10 20.91 9.29 -13.78
C GLU A 10 20.34 8.61 -12.55
N LEU A 11 21.17 8.34 -11.56
CA LEU A 11 20.64 7.76 -10.35
C LEU A 11 19.51 8.63 -9.77
N VAL A 12 19.70 9.93 -9.87
CA VAL A 12 18.79 10.99 -9.34
C VAL A 12 17.48 11.07 -10.17
N ALA A 13 17.60 10.98 -11.49
CA ALA A 13 16.49 10.91 -12.43
C ALA A 13 15.69 9.63 -12.24
N GLU A 14 16.37 8.51 -12.07
CA GLU A 14 15.68 7.27 -11.84
C GLU A 14 14.88 7.30 -10.58
N ALA A 15 15.44 7.96 -9.56
CA ALA A 15 14.80 7.94 -8.29
C ALA A 15 13.48 8.70 -8.36
N HIS A 16 13.51 9.88 -8.95
CA HIS A 16 12.33 10.66 -9.25
C HIS A 16 11.33 9.86 -10.02
N ASN A 17 11.78 9.17 -11.05
CA ASN A 17 10.87 8.30 -11.81
C ASN A 17 10.18 7.20 -10.97
N LEU A 18 10.93 6.50 -10.09
CA LEU A 18 10.41 5.44 -9.20
C LEU A 18 9.47 5.93 -8.09
N CYS A 19 9.76 7.11 -7.58
CA CYS A 19 8.90 7.82 -6.63
C CYS A 19 7.58 8.21 -7.22
N THR A 20 7.58 8.56 -8.50
CA THR A 20 6.39 8.97 -9.16
C THR A 20 5.48 7.73 -9.31
N LEU A 21 6.06 6.63 -9.86
CA LEU A 21 5.46 5.25 -9.86
C LEU A 21 5.00 4.76 -8.49
N LEU A 22 5.81 4.82 -7.45
CA LEU A 22 5.33 4.52 -6.10
C LEU A 22 4.15 5.44 -5.73
N GLU A 23 4.28 6.72 -5.95
CA GLU A 23 3.14 7.60 -5.72
C GLU A 23 1.87 7.14 -6.39
N ASN A 24 1.96 6.84 -7.68
CA ASN A 24 0.79 6.48 -8.52
C ASN A 24 0.14 5.17 -8.06
N ALA A 25 1.02 4.21 -7.73
CA ALA A 25 0.68 2.86 -7.34
C ALA A 25 -0.07 2.99 -6.04
N ILE A 26 0.39 3.82 -5.11
CA ILE A 26 -0.31 3.95 -3.81
C ILE A 26 -1.68 4.61 -4.01
N GLN A 27 -1.71 5.60 -4.91
CA GLN A 27 -2.93 6.37 -5.18
C GLN A 27 -4.03 5.47 -5.76
N ASP A 28 -3.67 4.67 -6.76
CA ASP A 28 -4.56 3.71 -7.35
C ASP A 28 -5.18 2.78 -6.33
N THR A 29 -4.33 2.23 -5.48
CA THR A 29 -4.76 1.35 -4.42
C THR A 29 -5.78 2.01 -3.53
N VAL A 30 -5.46 3.19 -3.00
CA VAL A 30 -6.38 3.96 -2.14
C VAL A 30 -7.38 4.69 -3.04
N ARG A 31 -8.12 4.03 -3.90
CA ARG A 31 -9.08 4.73 -4.79
C ARG A 31 -9.94 3.55 -5.13
N GLU A 32 -9.29 2.47 -5.55
CA GLU A 32 -9.96 1.18 -5.67
C GLU A 32 -10.64 0.78 -4.34
N GLN A 33 -9.91 0.83 -3.22
CA GLN A 33 -10.47 0.34 -1.94
C GLN A 33 -11.52 1.30 -1.37
N ASP A 34 -11.57 2.49 -1.99
CA ASP A 34 -12.66 3.45 -1.75
C ASP A 34 -13.91 3.24 -2.53
N GLN A 35 -13.95 2.26 -3.41
CA GLN A 35 -15.23 1.82 -3.92
C GLN A 35 -15.72 0.80 -2.84
N SER A 36 -16.61 1.26 -1.97
CA SER A 36 -16.97 0.47 -0.74
C SER A 36 -18.28 -0.30 -0.87
N PHE A 37 -18.33 -1.41 -0.15
CA PHE A 37 -19.53 -2.24 -0.09
C PHE A 37 -20.66 -1.59 0.69
N THR A 38 -20.30 -0.53 1.43
CA THR A 38 -21.24 0.38 2.12
C THR A 38 -22.16 1.02 1.10
N ALA A 39 -21.76 1.03 -0.16
CA ALA A 39 -22.55 1.59 -1.28
C ALA A 39 -23.65 0.72 -1.84
N LEU A 40 -23.50 -0.56 -1.68
CA LEU A 40 -24.48 -1.52 -2.10
C LEU A 40 -25.71 -1.28 -1.25
N ASP A 41 -26.84 -1.70 -1.77
CA ASP A 41 -28.06 -1.72 -1.04
C ASP A 41 -28.13 -2.95 -0.17
N TRP A 42 -28.18 -2.79 1.17
CA TRP A 42 -28.21 -3.95 2.07
C TRP A 42 -29.61 -4.07 2.75
N SER A 43 -30.58 -3.38 2.24
CA SER A 43 -31.90 -3.33 2.90
C SER A 43 -32.68 -4.67 2.77
N TRP A 44 -32.24 -5.56 1.89
CA TRP A 44 -32.84 -6.91 1.83
C TRP A 44 -32.49 -7.76 3.08
N LEU A 45 -31.57 -7.27 3.92
CA LEU A 45 -31.33 -7.85 5.25
C LEU A 45 -32.47 -7.54 6.19
N GLN A 46 -33.24 -6.49 5.81
CA GLN A 46 -34.71 -6.18 6.10
C GLN A 46 -34.87 -4.70 6.38
N GLU B 8 36.53 25.24 -9.98
CA GLU B 8 37.36 24.14 -9.41
C GLU B 8 36.72 22.79 -8.98
N THR B 9 37.61 21.86 -8.66
CA THR B 9 37.34 20.51 -8.27
C THR B 9 36.46 20.40 -7.01
N LEU B 10 36.76 21.18 -5.98
CA LEU B 10 35.94 21.13 -4.76
C LEU B 10 34.50 21.67 -5.02
N GLN B 11 34.42 22.76 -5.81
CA GLN B 11 33.12 23.38 -6.16
C GLN B 11 32.25 22.41 -7.01
N ARG B 12 32.87 21.67 -7.92
CA ARG B 12 32.13 20.72 -8.73
C ARG B 12 31.65 19.63 -7.81
N CYS B 13 32.47 19.32 -6.82
CA CYS B 13 32.22 18.19 -5.99
C CYS B 13 31.10 18.53 -5.01
N LEU B 14 31.11 19.78 -4.54
CA LEU B 14 30.10 20.28 -3.64
C LEU B 14 28.80 20.45 -4.40
N GLU B 15 28.82 20.74 -5.72
CA GLU B 15 27.52 20.86 -6.46
C GLU B 15 26.87 19.47 -6.51
N GLU B 16 27.69 18.46 -6.71
CA GLU B 16 27.16 17.14 -6.81
C GLU B 16 26.65 16.72 -5.45
N ASN B 17 27.42 17.01 -4.38
CA ASN B 17 27.01 16.71 -3.01
C ASN B 17 25.63 17.28 -2.66
N GLN B 18 25.42 18.54 -3.00
CA GLN B 18 24.15 19.15 -2.73
C GLN B 18 23.06 18.48 -3.52
N GLU B 19 23.35 18.14 -4.77
CA GLU B 19 22.34 17.55 -5.70
C GLU B 19 21.93 16.17 -5.14
N LEU B 20 22.94 15.41 -4.68
CA LEU B 20 22.75 14.07 -4.09
C LEU B 20 21.85 14.13 -2.83
N ARG B 21 22.13 15.09 -1.92
CA ARG B 21 21.40 15.31 -0.67
C ARG B 21 20.04 15.80 -0.98
N ASP B 22 19.89 16.67 -1.97
CA ASP B 22 18.53 17.15 -2.32
C ASP B 22 17.71 15.94 -2.73
N ALA B 23 18.25 15.10 -3.62
CA ALA B 23 17.57 13.86 -4.06
C ALA B 23 17.14 13.00 -2.91
N ILE B 24 18.05 12.46 -2.14
CA ILE B 24 17.66 11.70 -0.95
C ILE B 24 16.64 12.43 -0.03
N ARG B 25 16.80 13.72 0.12
CA ARG B 25 15.91 14.43 1.01
C ARG B 25 14.46 14.45 0.46
N GLN B 26 14.34 14.51 -0.87
CA GLN B 26 13.08 14.52 -1.60
C GLN B 26 12.43 13.17 -1.56
N SER B 27 13.22 12.11 -1.74
CA SER B 27 12.64 10.77 -1.68
C SER B 27 12.22 10.48 -0.23
N ASN B 28 12.97 11.02 0.71
CA ASN B 28 12.76 10.73 2.12
C ASN B 28 11.39 11.31 2.49
N GLN B 29 11.13 12.55 2.09
CA GLN B 29 9.81 13.18 2.29
C GLN B 29 8.68 12.36 1.59
N ILE B 30 8.90 11.95 0.34
CA ILE B 30 7.89 11.07 -0.37
C ILE B 30 7.57 9.76 0.40
N LEU B 31 8.60 9.03 0.84
CA LEU B 31 8.49 7.82 1.64
C LEU B 31 7.68 8.13 2.85
N ARG B 32 8.02 9.22 3.53
CA ARG B 32 7.40 9.58 4.77
C ARG B 32 5.86 9.80 4.65
N GLU B 33 5.46 10.58 3.64
CA GLU B 33 4.08 10.86 3.36
C GLU B 33 3.36 9.59 2.88
N ARG B 34 4.02 8.80 2.02
CA ARG B 34 3.44 7.56 1.49
C ARG B 34 3.22 6.55 2.57
N CYS B 35 4.19 6.49 3.49
CA CYS B 35 4.06 5.59 4.63
C CYS B 35 2.86 5.94 5.52
N GLU B 36 2.69 7.20 5.89
CA GLU B 36 1.53 7.67 6.65
C GLU B 36 0.19 7.37 5.93
N GLU B 37 0.15 7.67 4.62
CA GLU B 37 -0.98 7.27 3.78
C GLU B 37 -1.36 5.77 3.77
N LEU B 38 -0.35 4.92 3.76
CA LEU B 38 -0.55 3.51 3.75
C LEU B 38 -1.00 3.00 5.12
N LEU B 39 -0.59 3.66 6.18
CA LEU B 39 -1.05 3.38 7.51
C LEU B 39 -2.52 3.77 7.76
N HIS B 40 -2.93 4.93 7.23
CA HIS B 40 -4.35 5.29 7.08
C HIS B 40 -5.20 4.30 6.27
N PHE B 41 -4.68 3.85 5.13
CA PHE B 41 -5.31 2.83 4.33
C PHE B 41 -5.48 1.50 5.07
N GLN B 42 -4.56 1.11 5.90
CA GLN B 42 -4.79 -0.02 6.75
C GLN B 42 -5.99 0.16 7.68
N ALA B 43 -6.26 1.37 8.25
CA ALA B 43 -7.43 1.63 9.10
C ALA B 43 -8.72 1.56 8.25
N SER B 44 -8.70 2.18 7.08
CA SER B 44 -9.82 2.16 6.13
C SER B 44 -10.12 0.69 5.69
N GLN B 45 -9.08 -0.09 5.46
CA GLN B 45 -9.18 -1.43 5.09
C GLN B 45 -9.76 -2.32 6.25
N ARG B 46 -9.33 -2.15 7.52
CA ARG B 46 -9.92 -2.87 8.62
C ARG B 46 -11.34 -2.40 8.83
N GLU B 47 -11.63 -1.10 8.70
CA GLU B 47 -13.06 -0.68 8.73
C GLU B 47 -14.03 -1.25 7.66
N GLU B 48 -13.57 -1.44 6.41
CA GLU B 48 -14.40 -1.94 5.35
C GLU B 48 -14.73 -3.39 5.67
N LYS B 49 -13.73 -4.12 6.17
CA LYS B 49 -13.78 -5.51 6.42
C LYS B 49 -14.70 -5.76 7.59
N GLU B 50 -14.60 -4.91 8.63
CA GLU B 50 -15.42 -5.05 9.80
C GLU B 50 -16.87 -4.88 9.44
N PHE B 51 -17.21 -3.76 8.75
CA PHE B 51 -18.51 -3.63 8.16
C PHE B 51 -19.03 -4.88 7.38
N LEU B 52 -18.23 -5.39 6.46
CA LEU B 52 -18.52 -6.55 5.64
C LEU B 52 -18.73 -7.85 6.42
N MET B 53 -17.90 -8.12 7.44
CA MET B 53 -18.16 -9.19 8.39
C MET B 53 -19.55 -9.05 9.05
N CYS B 54 -19.93 -7.85 9.54
CA CYS B 54 -21.20 -7.66 10.19
C CYS B 54 -22.26 -8.05 9.18
N LYS B 55 -22.21 -7.44 7.98
CA LYS B 55 -23.22 -7.56 6.98
C LYS B 55 -23.46 -9.03 6.65
N PHE B 56 -22.40 -9.78 6.48
CA PHE B 56 -22.55 -11.16 6.08
C PHE B 56 -22.86 -12.09 7.23
N GLN B 57 -22.44 -11.75 8.47
CA GLN B 57 -23.03 -12.36 9.62
C GLN B 57 -24.54 -12.10 9.69
N GLU B 58 -24.99 -10.84 9.55
CA GLU B 58 -26.48 -10.53 9.45
C GLU B 58 -27.11 -11.46 8.42
N ALA B 59 -26.47 -11.63 7.28
CA ALA B 59 -27.07 -12.40 6.15
C ALA B 59 -27.18 -13.87 6.56
N ARG B 60 -26.11 -14.41 7.15
CA ARG B 60 -26.16 -15.76 7.65
C ARG B 60 -27.27 -15.94 8.68
N LYS B 61 -27.41 -14.99 9.60
CA LYS B 61 -28.46 -15.13 10.61
C LYS B 61 -29.88 -15.09 10.03
N LEU B 62 -30.14 -14.11 9.17
CA LEU B 62 -31.42 -14.08 8.44
C LEU B 62 -31.75 -15.42 7.74
N VAL B 63 -30.78 -15.92 7.00
CA VAL B 63 -31.01 -17.12 6.17
C VAL B 63 -31.36 -18.29 7.06
N GLU B 64 -30.52 -18.55 8.08
CA GLU B 64 -30.88 -19.52 9.12
C GLU B 64 -32.25 -19.28 9.77
N ARG B 65 -32.52 -18.02 10.06
CA ARG B 65 -33.71 -17.65 10.77
C ARG B 65 -34.84 -18.02 9.84
N LEU B 66 -34.87 -17.47 8.64
CA LEU B 66 -35.88 -17.83 7.66
C LEU B 66 -36.07 -19.35 7.44
N GLY B 67 -35.00 -20.15 7.57
CA GLY B 67 -35.07 -21.59 7.31
C GLY B 67 -35.92 -22.29 8.37
N LEU B 68 -35.87 -21.73 9.59
CA LEU B 68 -36.82 -22.08 10.64
C LEU B 68 -38.04 -21.14 10.45
N ALA C 5 22.13 21.80 8.43
CA ALA C 5 22.40 20.64 7.56
C ALA C 5 22.29 19.35 8.38
N LYS C 6 22.25 18.23 7.68
CA LYS C 6 22.38 16.90 8.27
C LYS C 6 23.79 16.37 7.99
N LYS C 7 24.37 15.60 8.92
CA LYS C 7 25.58 14.86 8.61
C LYS C 7 25.15 13.87 7.53
N SER C 8 26.10 13.33 6.76
CA SER C 8 25.77 12.39 5.70
C SER C 8 25.31 11.07 6.25
N GLU C 9 26.10 10.49 7.16
CA GLU C 9 25.74 9.30 7.96
C GLU C 9 24.26 9.39 8.27
N GLU C 10 23.83 10.61 8.60
CA GLU C 10 22.49 10.86 9.06
C GLU C 10 21.40 10.85 7.98
N LEU C 11 21.62 11.49 6.84
CA LEU C 11 20.67 11.42 5.77
C LEU C 11 20.39 9.97 5.28
N VAL C 12 21.45 9.20 5.18
CA VAL C 12 21.43 7.83 4.75
C VAL C 12 20.67 6.92 5.73
N ALA C 13 20.95 7.05 7.03
CA ALA C 13 20.18 6.36 8.09
C ALA C 13 18.64 6.61 8.02
N GLU C 14 18.27 7.85 7.84
CA GLU C 14 16.93 8.30 7.77
C GLU C 14 16.32 7.61 6.59
N ALA C 15 17.02 7.58 5.47
CA ALA C 15 16.56 7.11 4.22
C ALA C 15 16.54 5.59 4.35
N HIS C 16 17.53 4.98 5.01
CA HIS C 16 17.41 3.56 5.31
C HIS C 16 16.17 3.21 6.18
N ASN C 17 15.93 3.92 7.30
CA ASN C 17 14.82 3.63 8.19
C ASN C 17 13.50 3.86 7.44
N LEU C 18 13.44 4.88 6.58
CA LEU C 18 12.21 5.12 5.85
C LEU C 18 11.89 4.01 4.87
N CYS C 19 12.93 3.50 4.21
CA CYS C 19 12.82 2.25 3.37
C CYS C 19 12.23 1.00 4.06
N THR C 20 12.77 0.67 5.22
CA THR C 20 12.31 -0.36 6.10
C THR C 20 10.82 -0.13 6.48
N LEU C 21 10.43 1.11 6.78
CA LEU C 21 9.10 1.40 7.24
C LEU C 21 8.14 1.18 6.10
N LEU C 22 8.55 1.47 4.86
CA LEU C 22 7.69 1.29 3.72
C LEU C 22 7.53 -0.19 3.33
N GLU C 23 8.62 -0.94 3.45
CA GLU C 23 8.56 -2.32 3.23
C GLU C 23 7.62 -2.96 4.21
N ASN C 24 7.75 -2.56 5.47
CA ASN C 24 6.84 -3.07 6.53
C ASN C 24 5.40 -2.65 6.46
N ALA C 25 5.11 -1.40 6.11
CA ALA C 25 3.76 -0.99 5.84
C ALA C 25 3.16 -1.83 4.73
N ILE C 26 3.92 -2.06 3.67
CA ILE C 26 3.39 -2.86 2.55
C ILE C 26 3.05 -4.27 3.03
N GLN C 27 4.01 -4.92 3.68
CA GLN C 27 3.89 -6.26 4.15
C GLN C 27 2.67 -6.35 5.06
N ASP C 28 2.51 -5.39 5.98
CA ASP C 28 1.41 -5.44 6.89
C ASP C 28 0.05 -5.36 6.21
N THR C 29 0.00 -4.46 5.24
CA THR C 29 -1.22 -4.31 4.40
C THR C 29 -1.49 -5.61 3.69
N VAL C 30 -0.43 -6.28 3.14
CA VAL C 30 -0.60 -7.49 2.35
C VAL C 30 -0.96 -8.66 3.21
N ARG C 31 -0.49 -8.63 4.42
CA ARG C 31 -0.78 -9.73 5.34
C ARG C 31 -2.22 -9.64 5.83
N GLU C 32 -2.62 -8.49 6.33
CA GLU C 32 -4.02 -8.26 6.68
C GLU C 32 -5.05 -8.58 5.54
N GLN C 33 -4.73 -8.25 4.31
CA GLN C 33 -5.61 -8.54 3.18
C GLN C 33 -5.63 -10.04 2.83
N ASP C 34 -4.51 -10.73 3.07
CA ASP C 34 -4.40 -12.14 2.71
C ASP C 34 -5.19 -12.89 3.74
N GLN C 35 -5.59 -12.18 4.81
CA GLN C 35 -6.53 -12.70 5.80
C GLN C 35 -7.96 -12.54 5.18
N SER C 36 -8.27 -13.51 4.31
CA SER C 36 -9.30 -13.44 3.31
C SER C 36 -10.66 -14.07 3.80
N PHE C 37 -11.75 -13.44 3.41
CA PHE C 37 -13.15 -13.94 3.48
C PHE C 37 -13.39 -15.32 2.85
N THR C 38 -12.57 -15.71 1.88
CA THR C 38 -12.69 -17.03 1.24
C THR C 38 -12.48 -18.12 2.30
N ALA C 39 -11.60 -17.89 3.28
CA ALA C 39 -11.37 -18.83 4.38
C ALA C 39 -12.54 -19.01 5.38
N LEU C 40 -13.62 -18.23 5.22
CA LEU C 40 -14.80 -18.34 6.12
C LEU C 40 -15.70 -19.51 5.63
N ASP C 41 -16.54 -20.04 6.50
CA ASP C 41 -17.48 -21.12 6.12
C ASP C 41 -18.67 -20.40 5.45
N TRP C 42 -18.81 -20.48 4.14
CA TRP C 42 -19.99 -19.92 3.45
C TRP C 42 -20.99 -20.99 3.05
N SER C 43 -20.96 -22.15 3.71
CA SER C 43 -21.81 -23.27 3.28
C SER C 43 -23.27 -23.03 3.66
N TRP C 44 -23.50 -22.03 4.51
CA TRP C 44 -24.88 -21.54 4.73
C TRP C 44 -25.54 -21.03 3.43
N LEU C 45 -24.77 -20.77 2.37
CA LEU C 45 -25.38 -20.37 1.13
C LEU C 45 -26.01 -21.55 0.39
N GLN C 46 -25.67 -22.80 0.79
CA GLN C 46 -26.65 -23.89 0.93
C GLN C 46 -26.82 -24.75 -0.28
N GLU D 8 41.82 17.12 4.78
CA GLU D 8 41.56 17.31 3.31
C GLU D 8 40.07 17.21 2.90
N THR D 9 39.56 18.35 2.44
CA THR D 9 38.16 18.68 2.32
C THR D 9 37.61 18.06 1.08
N LEU D 10 38.33 18.15 -0.06
CA LEU D 10 37.95 17.41 -1.28
C LEU D 10 37.82 15.88 -1.07
N GLN D 11 38.73 15.26 -0.34
CA GLN D 11 38.63 13.86 -0.02
C GLN D 11 37.31 13.51 0.74
N ARG D 12 37.00 14.25 1.83
CA ARG D 12 35.75 14.09 2.57
C ARG D 12 34.53 14.18 1.68
N CYS D 13 34.51 15.13 0.74
CA CYS D 13 33.42 15.26 -0.28
C CYS D 13 33.22 14.11 -1.27
N LEU D 14 34.31 13.54 -1.82
CA LEU D 14 34.24 12.47 -2.82
C LEU D 14 33.80 11.23 -2.10
N GLU D 15 34.21 11.10 -0.85
CA GLU D 15 33.80 10.00 -0.02
C GLU D 15 32.32 10.07 0.41
N GLU D 16 31.85 11.26 0.73
CA GLU D 16 30.43 11.46 0.94
C GLU D 16 29.64 11.27 -0.36
N ASN D 17 30.17 11.66 -1.53
CA ASN D 17 29.39 11.56 -2.75
C ASN D 17 29.14 10.10 -3.09
N GLN D 18 30.14 9.25 -2.80
CA GLN D 18 30.08 7.88 -3.13
C GLN D 18 29.07 7.23 -2.18
N GLU D 19 29.10 7.59 -0.89
CA GLU D 19 28.11 7.07 0.09
C GLU D 19 26.68 7.44 -0.33
N LEU D 20 26.44 8.68 -0.75
CA LEU D 20 25.10 9.14 -1.12
C LEU D 20 24.61 8.43 -2.38
N ARG D 21 25.54 8.24 -3.31
CA ARG D 21 25.27 7.59 -4.61
C ARG D 21 24.87 6.15 -4.41
N ASP D 22 25.68 5.45 -3.63
CA ASP D 22 25.36 4.15 -3.09
C ASP D 22 23.96 4.13 -2.42
N ALA D 23 23.61 5.07 -1.52
CA ALA D 23 22.31 4.99 -0.87
C ALA D 23 21.16 5.07 -1.89
N ILE D 24 21.22 6.06 -2.80
CA ILE D 24 20.22 6.20 -3.87
C ILE D 24 20.21 4.97 -4.80
N ARG D 25 21.34 4.43 -5.16
CA ARG D 25 21.32 3.22 -5.99
C ARG D 25 20.60 2.04 -5.27
N GLN D 26 20.85 1.83 -3.98
CA GLN D 26 20.17 0.78 -3.20
C GLN D 26 18.69 1.06 -3.10
N SER D 27 18.42 2.31 -2.76
CA SER D 27 17.10 2.80 -2.57
C SER D 27 16.22 2.63 -3.83
N ASN D 28 16.82 2.80 -4.99
CA ASN D 28 16.09 2.69 -6.26
C ASN D 28 15.68 1.27 -6.58
N GLN D 29 16.63 0.32 -6.40
CA GLN D 29 16.30 -1.10 -6.52
C GLN D 29 15.27 -1.47 -5.47
N ILE D 30 15.28 -0.84 -4.28
CA ILE D 30 14.22 -1.19 -3.33
C ILE D 30 12.84 -0.64 -3.68
N LEU D 31 12.75 0.60 -4.18
CA LEU D 31 11.52 1.19 -4.67
C LEU D 31 10.86 0.41 -5.77
N ARG D 32 11.65 -0.08 -6.73
CA ARG D 32 11.08 -0.90 -7.79
C ARG D 32 10.35 -2.17 -7.22
N GLU D 33 10.98 -2.85 -6.25
CA GLU D 33 10.43 -4.04 -5.64
C GLU D 33 9.12 -3.68 -4.93
N ARG D 34 9.11 -2.59 -4.16
CA ARG D 34 7.96 -2.08 -3.52
C ARG D 34 6.84 -1.79 -4.45
N CYS D 35 7.14 -1.20 -5.60
CA CYS D 35 6.10 -0.94 -6.65
C CYS D 35 5.49 -2.23 -7.14
N GLU D 36 6.31 -3.25 -7.32
CA GLU D 36 5.78 -4.54 -7.78
C GLU D 36 4.83 -5.20 -6.74
N GLU D 37 5.18 -5.09 -5.45
CA GLU D 37 4.35 -5.66 -4.39
C GLU D 37 3.00 -5.00 -4.40
N LEU D 38 3.00 -3.70 -4.59
CA LEU D 38 1.74 -2.91 -4.69
C LEU D 38 0.92 -3.29 -5.92
N LEU D 39 1.58 -3.60 -7.03
CA LEU D 39 0.84 -4.09 -8.14
C LEU D 39 0.18 -5.41 -7.81
N HIS D 40 0.95 -6.28 -7.14
CA HIS D 40 0.43 -7.60 -6.72
C HIS D 40 -0.71 -7.37 -5.73
N PHE D 41 -0.49 -6.49 -4.76
CA PHE D 41 -1.53 -6.22 -3.80
C PHE D 41 -2.86 -5.76 -4.55
N GLN D 42 -2.74 -4.88 -5.55
CA GLN D 42 -3.91 -4.52 -6.36
C GLN D 42 -4.57 -5.72 -7.05
N ALA D 43 -3.78 -6.60 -7.70
CA ALA D 43 -4.38 -7.86 -8.17
C ALA D 43 -5.12 -8.72 -7.05
N SER D 44 -4.63 -8.76 -5.79
CA SER D 44 -5.35 -9.57 -4.82
C SER D 44 -6.56 -8.86 -4.26
N GLN D 45 -6.50 -7.53 -4.11
CA GLN D 45 -7.64 -6.69 -3.73
C GLN D 45 -8.80 -6.89 -4.75
N ARG D 46 -8.49 -6.85 -6.03
CA ARG D 46 -9.40 -7.11 -7.08
C ARG D 46 -9.98 -8.53 -7.06
N GLU D 47 -9.18 -9.56 -6.83
CA GLU D 47 -9.76 -10.90 -6.68
C GLU D 47 -10.65 -10.99 -5.44
N GLU D 48 -10.29 -10.34 -4.34
CA GLU D 48 -11.10 -10.38 -3.11
C GLU D 48 -12.49 -9.70 -3.30
N LYS D 49 -12.56 -8.54 -3.95
CA LYS D 49 -13.83 -7.88 -4.17
C LYS D 49 -14.79 -8.68 -5.10
N GLU D 50 -14.22 -9.29 -6.13
CA GLU D 50 -14.97 -10.08 -7.11
C GLU D 50 -15.61 -11.22 -6.41
N PHE D 51 -14.85 -11.92 -5.58
CA PHE D 51 -15.31 -12.96 -4.64
C PHE D 51 -16.41 -12.47 -3.71
N LEU D 52 -16.25 -11.29 -3.09
CA LEU D 52 -17.26 -10.81 -2.14
C LEU D 52 -18.51 -10.38 -2.89
N MET D 53 -18.33 -9.87 -4.13
CA MET D 53 -19.48 -9.49 -4.92
CA MET D 53 -19.43 -9.47 -5.01
C MET D 53 -20.31 -10.69 -5.29
N CYS D 54 -19.68 -11.84 -5.64
CA CYS D 54 -20.45 -13.14 -5.83
C CYS D 54 -21.19 -13.55 -4.57
N LYS D 55 -20.49 -13.52 -3.46
CA LYS D 55 -21.15 -13.88 -2.17
C LYS D 55 -22.34 -12.97 -1.83
N PHE D 56 -22.17 -11.66 -1.86
CA PHE D 56 -23.25 -10.69 -1.72
C PHE D 56 -24.43 -11.03 -2.64
N GLN D 57 -24.21 -11.17 -3.93
CA GLN D 57 -25.25 -11.61 -4.88
C GLN D 57 -25.94 -12.94 -4.53
N GLU D 58 -25.19 -14.02 -4.34
CA GLU D 58 -25.76 -15.26 -3.84
C GLU D 58 -26.52 -15.09 -2.56
N ALA D 59 -26.02 -14.28 -1.62
CA ALA D 59 -26.77 -14.16 -0.34
C ALA D 59 -28.09 -13.37 -0.49
N ARG D 60 -28.06 -12.29 -1.29
CA ARG D 60 -29.29 -11.50 -1.63
C ARG D 60 -30.34 -12.42 -2.27
N LYS D 61 -29.93 -13.24 -3.25
CA LYS D 61 -30.83 -14.20 -3.96
C LYS D 61 -31.30 -15.33 -3.11
N LEU D 62 -30.48 -15.84 -2.21
CA LEU D 62 -30.95 -16.84 -1.28
C LEU D 62 -31.92 -16.25 -0.30
N VAL D 63 -31.71 -15.03 0.07
CA VAL D 63 -32.75 -14.44 0.97
C VAL D 63 -34.05 -14.17 0.21
N GLU D 64 -33.94 -13.98 -1.11
CA GLU D 64 -35.11 -13.68 -1.94
C GLU D 64 -35.94 -14.96 -1.96
N ARG D 65 -35.25 -16.09 -2.28
CA ARG D 65 -35.79 -17.41 -2.35
C ARG D 65 -36.54 -17.80 -1.06
N LEU D 66 -35.84 -17.70 0.09
CA LEU D 66 -36.37 -18.08 1.40
C LEU D 66 -37.54 -17.25 1.89
N GLY D 67 -37.51 -15.94 1.63
CA GLY D 67 -38.61 -15.00 1.99
C GLY D 67 -39.93 -15.28 1.29
N LEU D 68 -39.84 -15.90 0.10
CA LEU D 68 -40.97 -16.53 -0.64
C LEU D 68 -41.12 -17.93 -0.06
N GLU D 69 -40.88 -18.07 1.25
CA GLU D 69 -40.45 -19.34 1.87
C GLU D 69 -40.50 -20.46 0.87
#